data_2ZEZ
#
_entry.id   2ZEZ
#
_cell.length_a   99.425
_cell.length_b   99.525
_cell.length_c   139.390
_cell.angle_alpha   90.00
_cell.angle_beta   90.00
_cell.angle_gamma   90.00
#
_symmetry.space_group_name_H-M   'C 2 2 21'
#
loop_
_entity.id
_entity.type
_entity.pdbx_description
1 polymer 'S-layer associated multidomain endoglucanase'
2 non-polymer 'CALCIUM ION'
3 water water
#
_entity_poly.entity_id   1
_entity_poly.type   'polypeptide(L)'
_entity_poly.pdbx_seq_one_letter_code
;VSNLIVNGTAENGMDGWPDWGYPVSAVPEAAYGGTKGFKLSGGKQAGMGQKVALKPNTTYILGAWGKFTAKPGTYCDVIV
QYHLKDANNTYVQNILRFTETDWTYKQVVFTTPDAFGSDPEFVLWKDDASNADFYADNITLVEV
;
_entity_poly.pdbx_strand_id   A,B,C,D
#
loop_
_chem_comp.id
_chem_comp.type
_chem_comp.name
_chem_comp.formula
CA non-polymer 'CALCIUM ION' 'Ca 2'
#
# COMPACT_ATOMS: atom_id res chain seq x y z
N SER A 2 -8.61 -0.39 29.68
CA SER A 2 -7.73 -0.75 28.55
C SER A 2 -8.47 -0.70 27.21
N ASN A 3 -8.15 0.31 26.43
CA ASN A 3 -8.78 0.53 25.14
C ASN A 3 -8.18 -0.43 24.11
N LEU A 4 -9.04 -1.17 23.41
CA LEU A 4 -8.61 -2.05 22.31
C LEU A 4 -8.20 -1.26 21.05
N ILE A 5 -8.68 -0.03 20.94
CA ILE A 5 -8.29 0.83 19.82
C ILE A 5 -7.00 1.54 20.18
N VAL A 6 -6.01 1.46 19.29
CA VAL A 6 -4.76 2.17 19.44
C VAL A 6 -4.95 3.65 19.03
N ASN A 7 -4.57 4.56 19.91
CA ASN A 7 -4.58 5.99 19.58
C ASN A 7 -5.97 6.46 19.14
N GLY A 8 -6.99 6.14 19.94
CA GLY A 8 -8.36 6.58 19.68
C GLY A 8 -8.61 8.05 19.99
N THR A 9 -7.59 8.72 20.53
CA THR A 9 -7.69 10.13 20.93
C THR A 9 -6.99 11.09 19.97
N ALA A 10 -6.29 10.55 18.95
CA ALA A 10 -5.48 11.33 18.01
C ALA A 10 -4.28 12.01 18.66
N GLU A 11 -4.02 11.68 19.92
CA GLU A 11 -2.94 12.32 20.64
C GLU A 11 -1.56 11.96 20.08
N ASN A 12 -1.48 10.81 19.39
CA ASN A 12 -0.24 10.43 18.68
C ASN A 12 -0.38 10.60 17.16
N GLY A 13 -1.15 11.61 16.74
CA GLY A 13 -1.42 11.83 15.33
C GLY A 13 -2.16 10.67 14.67
N MET A 14 -1.68 10.26 13.50
CA MET A 14 -2.30 9.15 12.78
C MET A 14 -1.61 7.82 13.10
N ASP A 15 -0.66 7.83 14.04
CA ASP A 15 0.04 6.61 14.45
C ASP A 15 -0.90 5.51 14.95
N GLY A 16 -0.67 4.28 14.48
CA GLY A 16 -1.54 3.16 14.85
C GLY A 16 -2.67 2.92 13.88
N TRP A 17 -2.85 3.86 12.96
CA TRP A 17 -3.89 3.81 11.94
C TRP A 17 -3.23 3.59 10.59
N PRO A 18 -3.52 2.44 9.93
CA PRO A 18 -3.02 2.18 8.58
C PRO A 18 -3.50 3.22 7.58
N ASP A 19 -2.61 3.63 6.68
CA ASP A 19 -2.98 4.60 5.66
C ASP A 19 -3.77 3.88 4.58
N TRP A 20 -5.04 4.25 4.46
CA TRP A 20 -5.89 3.69 3.42
C TRP A 20 -5.99 4.64 2.24
N GLY A 21 -5.37 5.81 2.35
CA GLY A 21 -5.31 6.76 1.24
C GLY A 21 -6.47 7.75 1.21
N TYR A 22 -7.26 7.76 2.29
CA TYR A 22 -8.41 8.68 2.43
C TYR A 22 -7.98 9.97 3.10
N PRO A 23 -8.77 11.03 2.94
CA PRO A 23 -8.45 12.31 3.56
C PRO A 23 -8.77 12.32 5.06
N VAL A 24 -7.96 11.62 5.83
CA VAL A 24 -8.10 11.60 7.28
C VAL A 24 -6.83 12.19 7.86
N SER A 25 -6.99 13.22 8.68
CA SER A 25 -5.85 13.86 9.33
C SER A 25 -6.11 13.96 10.84
N ALA A 26 -5.03 14.05 11.62
CA ALA A 26 -5.14 14.33 13.05
C ALA A 26 -4.63 15.75 13.29
N VAL A 27 -5.56 16.63 13.65
CA VAL A 27 -5.36 18.08 13.62
C VAL A 27 -6.05 18.74 14.81
N PRO A 28 -5.51 19.87 15.28
CA PRO A 28 -6.14 20.58 16.39
C PRO A 28 -7.60 20.99 16.19
N GLU A 29 -7.98 21.44 15.00
CA GLU A 29 -9.36 21.91 14.77
C GLU A 29 -10.42 20.84 15.08
N ALA A 30 -10.02 19.58 15.08
CA ALA A 30 -10.97 18.47 15.21
C ALA A 30 -11.09 17.93 16.65
N ALA A 31 -10.35 18.53 17.58
CA ALA A 31 -10.23 17.99 18.94
C ALA A 31 -11.53 18.16 19.70
N TYR A 32 -11.99 17.08 20.32
CA TYR A 32 -12.97 17.22 21.40
C TYR A 32 -12.15 17.52 22.67
N GLY A 33 -11.15 16.66 22.94
CA GLY A 33 -10.19 16.85 24.03
C GLY A 33 -8.76 16.60 23.59
N GLY A 34 -7.82 16.91 24.49
CA GLY A 34 -6.38 16.73 24.23
C GLY A 34 -5.86 17.79 23.30
N THR A 35 -5.06 17.39 22.31
CA THR A 35 -4.48 18.36 21.40
C THR A 35 -4.97 18.22 19.98
N LYS A 36 -5.60 17.10 19.66
CA LYS A 36 -5.98 16.82 18.27
C LYS A 36 -7.24 15.97 18.21
N GLY A 37 -7.92 15.97 17.07
CA GLY A 37 -8.96 14.98 16.81
C GLY A 37 -8.79 14.50 15.40
N PHE A 38 -9.65 13.58 14.96
CA PHE A 38 -9.55 13.12 13.60
C PHE A 38 -10.48 13.91 12.75
N LYS A 39 -9.99 14.40 11.62
CA LYS A 39 -10.80 15.16 10.68
C LYS A 39 -10.88 14.36 9.40
N LEU A 40 -12.12 14.05 9.02
CA LEU A 40 -12.40 13.36 7.75
C LEU A 40 -12.96 14.44 6.84
N SER A 41 -12.23 14.71 5.76
CA SER A 41 -12.51 15.87 4.92
C SER A 41 -13.89 15.79 4.25
N GLY A 42 -14.54 16.93 4.10
CA GLY A 42 -15.72 16.96 3.26
C GLY A 42 -15.30 16.81 1.81
N GLY A 43 -16.28 16.60 0.93
CA GLY A 43 -16.03 16.54 -0.51
C GLY A 43 -15.81 15.11 -1.03
N LYS A 44 -15.49 14.20 -0.11
CA LYS A 44 -15.11 12.83 -0.46
C LYS A 44 -15.57 11.90 0.64
N GLN A 45 -15.81 10.64 0.31
CA GLN A 45 -15.96 9.62 1.35
C GLN A 45 -14.58 9.38 1.96
N ALA A 46 -14.54 8.87 3.20
CA ALA A 46 -13.29 8.72 3.90
C ALA A 46 -13.50 7.73 5.04
N GLY A 47 -12.47 6.95 5.32
CA GLY A 47 -12.51 6.07 6.47
C GLY A 47 -11.14 5.70 6.96
N MET A 48 -11.11 5.08 8.14
CA MET A 48 -9.88 4.49 8.64
C MET A 48 -10.28 3.35 9.54
N GLY A 49 -9.33 2.51 9.91
CA GLY A 49 -9.69 1.39 10.74
C GLY A 49 -8.50 0.64 11.25
N GLN A 50 -8.76 -0.24 12.19
CA GLN A 50 -7.75 -1.13 12.70
C GLN A 50 -8.35 -2.48 13.08
N LYS A 51 -7.53 -3.52 13.00
CA LYS A 51 -7.91 -4.82 13.50
C LYS A 51 -8.00 -4.73 15.01
N VAL A 52 -9.02 -5.35 15.60
CA VAL A 52 -9.20 -5.35 17.05
C VAL A 52 -9.22 -6.78 17.61
N ALA A 53 -8.45 -7.00 18.67
CA ALA A 53 -8.33 -8.32 19.25
C ALA A 53 -9.46 -8.65 20.24
N LEU A 54 -10.66 -8.89 19.69
CA LEU A 54 -11.83 -9.32 20.48
C LEU A 54 -11.73 -10.76 20.93
N LYS A 55 -12.25 -11.02 22.13
CA LYS A 55 -12.38 -12.37 22.66
C LYS A 55 -13.81 -12.87 22.42
N PRO A 56 -14.00 -14.19 22.23
CA PRO A 56 -15.38 -14.70 22.08
C PRO A 56 -16.12 -14.78 23.44
N ASN A 57 -17.46 -14.87 23.37
CA ASN A 57 -18.38 -14.61 24.50
C ASN A 57 -17.91 -13.56 25.53
N THR A 58 -17.56 -12.39 25.02
CA THR A 58 -17.12 -11.28 25.83
C THR A 58 -17.95 -10.06 25.46
N THR A 59 -18.37 -9.28 26.46
CA THR A 59 -19.16 -8.05 26.23
C THR A 59 -18.25 -6.81 26.14
N TYR A 60 -18.51 -5.99 25.11
CA TYR A 60 -17.70 -4.80 24.83
C TYR A 60 -18.60 -3.58 24.73
N ILE A 61 -18.05 -2.42 25.05
CA ILE A 61 -18.71 -1.13 24.79
C ILE A 61 -17.89 -0.34 23.76
N LEU A 62 -18.53 0.09 22.68
CA LEU A 62 -17.90 0.93 21.67
C LEU A 62 -18.49 2.33 21.79
N GLY A 63 -17.62 3.33 21.87
CA GLY A 63 -18.09 4.72 22.00
C GLY A 63 -17.19 5.70 21.30
N ALA A 64 -17.72 6.86 20.94
CA ALA A 64 -16.94 7.90 20.29
C ALA A 64 -17.69 9.23 20.38
N TRP A 65 -16.94 10.32 20.35
CA TRP A 65 -17.50 11.66 20.19
C TRP A 65 -17.40 11.97 18.71
N GLY A 66 -18.41 12.63 18.16
CA GLY A 66 -18.39 12.93 16.76
C GLY A 66 -19.29 14.11 16.43
N LYS A 67 -18.92 14.81 15.37
CA LYS A 67 -19.78 15.85 14.81
C LYS A 67 -19.41 16.20 13.37
N PHE A 68 -20.42 16.59 12.59
CA PHE A 68 -20.17 17.24 11.31
C PHE A 68 -20.06 18.73 11.54
N THR A 69 -19.32 19.42 10.67
CA THR A 69 -19.09 20.86 10.85
C THR A 69 -20.31 21.66 10.40
N ALA A 70 -21.12 21.06 9.51
CA ALA A 70 -22.40 21.64 9.04
C ALA A 70 -23.29 20.49 8.63
N LYS A 71 -24.58 20.74 8.41
CA LYS A 71 -25.50 19.63 8.10
C LYS A 71 -25.04 18.82 6.89
N PRO A 72 -24.88 17.49 7.06
CA PRO A 72 -24.45 16.62 5.98
C PRO A 72 -25.57 16.18 5.06
N GLY A 73 -25.21 15.52 3.96
CA GLY A 73 -26.20 14.83 3.14
C GLY A 73 -26.57 13.52 3.82
N THR A 74 -25.56 12.76 4.25
CA THR A 74 -25.84 11.45 4.84
C THR A 74 -25.27 11.33 6.26
N TYR A 75 -24.18 10.56 6.43
CA TYR A 75 -23.75 10.17 7.78
C TYR A 75 -22.31 9.66 7.81
N CYS A 76 -21.80 9.45 9.03
CA CYS A 76 -20.52 8.80 9.27
C CYS A 76 -20.77 7.73 10.33
N ASP A 77 -20.32 6.52 10.03
CA ASP A 77 -20.48 5.36 10.91
C ASP A 77 -19.20 5.03 11.65
N VAL A 78 -19.38 4.61 12.89
CA VAL A 78 -18.34 4.01 13.72
C VAL A 78 -18.79 2.57 13.96
N ILE A 79 -17.95 1.61 13.57
CA ILE A 79 -18.37 0.22 13.49
C ILE A 79 -17.32 -0.75 14.03
N VAL A 80 -17.76 -1.75 14.79
CA VAL A 80 -16.98 -2.99 14.99
C VAL A 80 -17.71 -4.13 14.30
N GLN A 81 -17.00 -4.81 13.40
CA GLN A 81 -17.62 -5.78 12.50
C GLN A 81 -16.79 -7.06 12.41
N TYR A 82 -17.49 -8.16 12.13
CA TYR A 82 -16.92 -9.49 12.04
C TYR A 82 -17.99 -10.44 11.49
N HIS A 83 -17.53 -11.53 10.91
CA HIS A 83 -18.44 -12.58 10.49
C HIS A 83 -18.62 -13.53 11.67
N LEU A 84 -19.80 -14.11 11.79
CA LEU A 84 -19.99 -15.29 12.64
C LEU A 84 -19.26 -16.47 12.01
N LYS A 85 -19.08 -17.54 12.78
CA LYS A 85 -18.55 -18.77 12.24
C LYS A 85 -19.68 -19.79 12.03
N ASP A 86 -20.77 -19.31 11.42
CA ASP A 86 -21.96 -20.13 11.19
C ASP A 86 -22.11 -20.53 9.70
N ALA A 87 -23.04 -21.44 9.43
CA ALA A 87 -23.26 -21.98 8.08
C ALA A 87 -23.64 -20.92 7.04
N ASN A 88 -24.44 -19.94 7.45
CA ASN A 88 -24.89 -18.84 6.59
C ASN A 88 -23.81 -17.76 6.43
N ASN A 89 -22.75 -17.90 7.24
CA ASN A 89 -21.65 -16.93 7.29
C ASN A 89 -22.11 -15.49 7.55
N THR A 90 -22.86 -15.30 8.65
CA THR A 90 -23.52 -14.04 8.94
C THR A 90 -22.52 -12.93 9.25
N TYR A 91 -22.76 -11.76 8.68
CA TYR A 91 -21.93 -10.60 8.95
C TYR A 91 -22.59 -9.74 10.01
N VAL A 92 -21.83 -9.43 11.07
CA VAL A 92 -22.32 -8.62 12.17
C VAL A 92 -21.62 -7.26 12.16
N GLN A 93 -22.45 -6.22 12.14
CA GLN A 93 -21.99 -4.85 12.26
C GLN A 93 -22.56 -4.20 13.51
N ASN A 94 -21.67 -3.71 14.39
CA ASN A 94 -22.07 -2.98 15.56
C ASN A 94 -21.81 -1.52 15.28
N ILE A 95 -22.89 -0.77 15.07
CA ILE A 95 -22.82 0.52 14.38
C ILE A 95 -23.33 1.72 15.20
N LEU A 96 -22.52 2.77 15.23
CA LEU A 96 -22.97 4.09 15.69
C LEU A 96 -23.02 5.00 14.48
N ARG A 97 -24.19 5.58 14.22
CA ARG A 97 -24.38 6.41 13.01
C ARG A 97 -24.58 7.87 13.39
N PHE A 98 -23.67 8.73 12.94
CA PHE A 98 -23.67 10.14 13.32
C PHE A 98 -24.13 10.98 12.16
N THR A 99 -25.00 11.93 12.46
CA THR A 99 -25.51 12.88 11.47
C THR A 99 -25.48 14.29 12.08
N GLU A 100 -25.09 14.39 13.36
CA GLU A 100 -25.28 15.62 14.15
C GLU A 100 -24.22 16.70 13.88
N THR A 101 -24.57 17.96 14.12
CA THR A 101 -23.63 19.07 13.90
C THR A 101 -23.13 19.72 15.19
N ASP A 102 -23.49 19.17 16.35
CA ASP A 102 -22.82 19.51 17.61
C ASP A 102 -22.13 18.25 18.11
N TRP A 103 -21.12 18.40 18.96
CA TRP A 103 -20.47 17.22 19.55
C TRP A 103 -21.50 16.32 20.20
N THR A 104 -21.49 15.05 19.82
CA THR A 104 -22.47 14.07 20.23
C THR A 104 -21.73 12.79 20.63
N TYR A 105 -22.05 12.26 21.80
CA TYR A 105 -21.46 10.99 22.24
C TYR A 105 -22.44 9.85 21.97
N LYS A 106 -21.96 8.77 21.35
CA LYS A 106 -22.77 7.59 21.13
C LYS A 106 -22.01 6.37 21.53
N GLN A 107 -22.74 5.35 21.94
CA GLN A 107 -22.12 4.08 22.31
C GLN A 107 -23.05 2.89 22.08
N VAL A 108 -22.45 1.71 21.92
CA VAL A 108 -23.21 0.49 21.74
C VAL A 108 -22.53 -0.61 22.54
N VAL A 109 -23.34 -1.38 23.24
CA VAL A 109 -22.86 -2.52 24.02
C VAL A 109 -23.23 -3.78 23.23
N PHE A 110 -22.26 -4.67 23.05
CA PHE A 110 -22.49 -5.91 22.32
C PHE A 110 -21.67 -7.03 22.94
N THR A 111 -22.14 -8.25 22.72
CA THR A 111 -21.44 -9.42 23.18
C THR A 111 -21.04 -10.23 21.97
N THR A 112 -19.78 -10.64 21.94
CA THR A 112 -19.23 -11.36 20.80
C THR A 112 -19.73 -12.81 20.77
N PRO A 113 -19.77 -13.42 19.57
CA PRO A 113 -20.13 -14.84 19.45
C PRO A 113 -19.07 -15.76 20.05
N ASP A 114 -19.31 -17.06 20.01
CA ASP A 114 -18.36 -18.04 20.57
C ASP A 114 -17.16 -18.34 19.66
N ALA A 115 -17.19 -17.79 18.43
CA ALA A 115 -16.10 -17.94 17.45
C ALA A 115 -16.28 -16.91 16.34
N PHE A 116 -15.17 -16.51 15.74
CA PHE A 116 -15.19 -15.52 14.66
C PHE A 116 -14.87 -16.23 13.35
N GLY A 117 -15.61 -15.85 12.31
CA GLY A 117 -15.39 -16.36 10.95
C GLY A 117 -14.43 -15.48 10.18
N SER A 118 -14.30 -14.22 10.60
CA SER A 118 -13.27 -13.32 10.07
C SER A 118 -12.68 -12.48 11.20
N ASP A 119 -11.45 -12.01 11.01
CA ASP A 119 -10.77 -11.15 11.98
C ASP A 119 -11.59 -9.88 12.26
N PRO A 120 -11.98 -9.66 13.54
CA PRO A 120 -12.74 -8.44 13.87
C PRO A 120 -12.00 -7.15 13.55
N GLU A 121 -12.74 -6.13 13.11
CA GLU A 121 -12.16 -4.87 12.71
C GLU A 121 -12.97 -3.73 13.25
N PHE A 122 -12.27 -2.66 13.63
CA PHE A 122 -12.93 -1.40 13.84
C PHE A 122 -12.86 -0.62 12.53
N VAL A 123 -13.94 0.05 12.15
CA VAL A 123 -13.95 0.91 10.95
C VAL A 123 -14.72 2.19 11.26
N LEU A 124 -14.12 3.32 10.93
CA LEU A 124 -14.81 4.60 10.91
C LEU A 124 -15.04 4.90 9.42
N TRP A 125 -16.29 5.02 9.00
CA TRP A 125 -16.58 5.19 7.56
C TRP A 125 -17.56 6.32 7.32
N LYS A 126 -17.10 7.35 6.61
CA LYS A 126 -17.95 8.48 6.28
C LYS A 126 -18.52 8.28 4.89
N ASP A 127 -19.80 7.91 4.83
CA ASP A 127 -20.52 7.78 3.57
C ASP A 127 -20.71 9.15 2.91
N ASP A 128 -20.89 10.17 3.74
CA ASP A 128 -21.17 11.51 3.27
C ASP A 128 -19.99 12.08 2.49
N ALA A 129 -20.29 12.73 1.37
CA ALA A 129 -19.29 13.45 0.60
C ALA A 129 -19.70 14.90 0.35
N SER A 130 -20.56 15.44 1.21
CA SER A 130 -20.93 16.87 1.13
C SER A 130 -19.80 17.73 1.64
N ASN A 131 -19.99 19.05 1.59
CA ASN A 131 -18.95 19.99 2.00
C ASN A 131 -18.50 19.91 3.45
N ALA A 132 -19.41 19.48 4.33
CA ALA A 132 -19.09 19.41 5.76
C ALA A 132 -17.91 18.46 6.04
N ASP A 133 -17.03 18.85 6.98
CA ASP A 133 -16.00 17.91 7.49
C ASP A 133 -16.61 17.19 8.66
N PHE A 134 -16.06 16.03 9.03
CA PHE A 134 -16.54 15.31 10.21
C PHE A 134 -15.37 15.28 11.21
N TYR A 135 -15.66 15.43 12.50
CA TYR A 135 -14.61 15.39 13.51
C TYR A 135 -14.92 14.20 14.40
N ALA A 136 -13.91 13.38 14.71
CA ALA A 136 -14.09 12.23 15.60
C ALA A 136 -13.00 12.27 16.64
N ASP A 137 -13.32 11.88 17.87
CA ASP A 137 -12.32 11.86 18.93
C ASP A 137 -12.78 10.93 20.03
N ASN A 138 -11.85 10.63 20.94
CA ASN A 138 -12.09 9.74 22.08
C ASN A 138 -12.85 8.47 21.67
N ILE A 139 -12.30 7.77 20.67
CA ILE A 139 -12.87 6.53 20.19
C ILE A 139 -12.39 5.42 21.11
N THR A 140 -13.32 4.60 21.57
CA THR A 140 -13.07 3.74 22.72
C THR A 140 -13.76 2.38 22.51
N LEU A 141 -13.05 1.28 22.74
CA LEU A 141 -13.63 -0.06 22.69
C LEU A 141 -13.06 -0.82 23.88
N VAL A 142 -13.90 -1.11 24.85
CA VAL A 142 -13.41 -1.65 26.14
C VAL A 142 -14.29 -2.81 26.61
N GLU A 143 -13.68 -3.79 27.26
CA GLU A 143 -14.38 -5.03 27.65
C GLU A 143 -15.59 -4.85 28.59
N ASN B 3 10.01 6.09 -2.48
CA ASN B 3 9.65 7.48 -2.89
C ASN B 3 10.93 8.29 -3.06
N LEU B 4 11.15 8.81 -4.26
CA LEU B 4 12.34 9.62 -4.53
C LEU B 4 12.25 11.01 -3.89
N ILE B 5 11.04 11.43 -3.53
CA ILE B 5 10.81 12.72 -2.84
C ILE B 5 11.02 12.52 -1.35
N VAL B 6 11.81 13.42 -0.74
CA VAL B 6 12.02 13.38 0.69
C VAL B 6 10.90 14.19 1.35
N ASN B 7 10.24 13.58 2.35
CA ASN B 7 9.19 14.26 3.11
C ASN B 7 8.05 14.80 2.23
N GLY B 8 7.53 13.95 1.34
CA GLY B 8 6.42 14.30 0.45
C GLY B 8 5.07 14.46 1.14
N THR B 9 5.02 14.06 2.41
CA THR B 9 3.80 14.08 3.22
C THR B 9 3.70 15.28 4.18
N ALA B 10 4.74 16.13 4.24
CA ALA B 10 4.86 17.20 5.26
C ALA B 10 4.89 16.71 6.71
N GLU B 11 5.00 15.40 6.91
CA GLU B 11 5.02 14.87 8.27
C GLU B 11 6.24 15.28 9.08
N ASN B 12 7.30 15.70 8.41
CA ASN B 12 8.47 16.24 9.09
C ASN B 12 8.62 17.75 8.84
N GLY B 13 7.49 18.45 8.69
CA GLY B 13 7.50 19.89 8.47
C GLY B 13 8.10 20.26 7.13
N MET B 14 8.96 21.27 7.12
CA MET B 14 9.62 21.68 5.89
C MET B 14 10.99 21.02 5.66
N ASP B 15 11.33 20.02 6.47
CA ASP B 15 12.62 19.33 6.38
C ASP B 15 12.79 18.52 5.12
N GLY B 16 13.97 18.64 4.49
CA GLY B 16 14.24 17.97 3.23
C GLY B 16 13.94 18.89 2.05
N TRP B 17 13.31 20.03 2.36
CA TRP B 17 12.93 21.04 1.38
C TRP B 17 13.79 22.32 1.52
N PRO B 18 14.68 22.58 0.54
CA PRO B 18 15.47 23.81 0.55
C PRO B 18 14.60 25.05 0.67
N ASP B 19 15.07 26.01 1.47
CA ASP B 19 14.39 27.27 1.64
C ASP B 19 14.69 28.13 0.42
N TRP B 20 13.67 28.32 -0.42
CA TRP B 20 13.82 29.18 -1.60
C TRP B 20 13.31 30.59 -1.28
N GLY B 21 12.76 30.77 -0.09
CA GLY B 21 12.30 32.09 0.36
C GLY B 21 10.88 32.43 -0.03
N TYR B 22 10.14 31.43 -0.53
CA TYR B 22 8.71 31.56 -0.89
C TYR B 22 7.81 31.20 0.27
N PRO B 23 6.56 31.73 0.26
CA PRO B 23 5.58 31.51 1.33
C PRO B 23 5.05 30.10 1.32
N VAL B 24 5.90 29.13 1.66
CA VAL B 24 5.50 27.72 1.72
C VAL B 24 5.66 27.26 3.17
N SER B 25 4.57 26.77 3.75
CA SER B 25 4.61 26.29 5.12
C SER B 25 4.06 24.87 5.21
N ALA B 26 4.44 24.19 6.28
CA ALA B 26 3.91 22.86 6.56
C ALA B 26 3.02 22.98 7.80
N VAL B 27 1.71 22.84 7.58
CA VAL B 27 0.69 23.25 8.54
C VAL B 27 -0.49 22.28 8.56
N PRO B 28 -1.12 22.10 9.75
CA PRO B 28 -2.33 21.27 9.85
C PRO B 28 -3.48 21.60 8.88
N GLU B 29 -3.71 22.88 8.60
CA GLU B 29 -4.85 23.27 7.74
C GLU B 29 -4.74 22.67 6.34
N ALA B 30 -3.51 22.45 5.87
CA ALA B 30 -3.26 21.97 4.51
C ALA B 30 -3.23 20.46 4.33
N ALA B 31 -3.46 19.70 5.40
CA ALA B 31 -3.28 18.24 5.36
C ALA B 31 -4.36 17.54 4.54
N TYR B 32 -3.96 16.63 3.68
CA TYR B 32 -4.90 15.65 3.10
C TYR B 32 -4.94 14.50 4.10
N GLY B 33 -3.76 13.99 4.44
CA GLY B 33 -3.56 12.95 5.45
C GLY B 33 -2.47 13.29 6.46
N GLY B 34 -2.35 12.48 7.50
CA GLY B 34 -1.33 12.68 8.52
C GLY B 34 -1.66 13.84 9.44
N THR B 35 -0.68 14.71 9.68
CA THR B 35 -0.83 15.83 10.59
C THR B 35 -0.68 17.20 9.93
N LYS B 36 -0.07 17.24 8.74
CA LYS B 36 0.26 18.50 8.06
C LYS B 36 0.17 18.31 6.56
N GLY B 37 0.05 19.42 5.85
CA GLY B 37 0.26 19.42 4.40
C GLY B 37 1.06 20.65 4.05
N PHE B 38 1.37 20.82 2.78
CA PHE B 38 2.06 22.03 2.39
C PHE B 38 1.08 23.09 1.96
N LYS B 39 1.22 24.28 2.54
CA LYS B 39 0.38 25.42 2.17
C LYS B 39 1.23 26.43 1.40
N LEU B 40 0.81 26.73 0.18
CA LEU B 40 1.47 27.79 -0.61
C LEU B 40 0.52 28.97 -0.61
N SER B 41 0.95 30.09 -0.05
CA SER B 41 0.02 31.20 0.21
C SER B 41 -0.45 31.90 -1.02
N GLY B 42 -1.69 32.39 -0.97
CA GLY B 42 -2.18 33.24 -2.03
C GLY B 42 -1.50 34.57 -1.91
N GLY B 43 -1.73 35.44 -2.89
CA GLY B 43 -1.15 36.78 -2.90
C GLY B 43 0.16 36.85 -3.65
N LYS B 44 0.83 35.70 -3.77
CA LYS B 44 2.19 35.65 -4.32
C LYS B 44 2.42 34.33 -5.00
N GLN B 45 3.33 34.32 -5.97
CA GLN B 45 3.76 33.07 -6.57
C GLN B 45 4.61 32.37 -5.53
N ALA B 46 4.70 31.05 -5.59
CA ALA B 46 5.44 30.29 -4.58
C ALA B 46 5.80 28.93 -5.14
N GLY B 47 6.91 28.37 -4.68
CA GLY B 47 7.30 27.04 -5.11
C GLY B 47 8.29 26.40 -4.14
N MET B 48 8.50 25.10 -4.31
CA MET B 48 9.52 24.38 -3.55
C MET B 48 10.04 23.29 -4.47
N GLY B 49 11.20 22.72 -4.17
CA GLY B 49 11.72 21.68 -5.05
C GLY B 49 12.83 20.88 -4.45
N GLN B 50 13.10 19.72 -5.06
CA GLN B 50 14.29 18.94 -4.73
C GLN B 50 14.88 18.30 -5.99
N LYS B 51 16.19 18.14 -5.98
CA LYS B 51 16.84 17.33 -7.01
C LYS B 51 16.44 15.89 -6.75
N VAL B 52 16.04 15.18 -7.81
CA VAL B 52 15.67 13.77 -7.70
C VAL B 52 16.66 12.89 -8.47
N ALA B 53 17.03 11.77 -7.86
CA ALA B 53 18.02 10.86 -8.44
C ALA B 53 17.43 9.88 -9.45
N LEU B 54 16.91 10.42 -10.57
CA LEU B 54 16.39 9.60 -11.67
C LEU B 54 17.45 8.78 -12.39
N LYS B 55 17.06 7.57 -12.82
CA LYS B 55 17.91 6.69 -13.60
C LYS B 55 17.51 6.81 -15.07
N PRO B 56 18.50 6.69 -15.99
CA PRO B 56 18.17 6.71 -17.41
C PRO B 56 17.43 5.43 -17.82
N ASN B 57 16.66 5.56 -18.92
CA ASN B 57 15.84 4.46 -19.46
C ASN B 57 14.97 3.77 -18.39
N THR B 58 14.30 4.60 -17.59
CA THR B 58 13.45 4.10 -16.50
C THR B 58 12.08 4.77 -16.52
N THR B 59 11.07 4.00 -16.10
CA THR B 59 9.70 4.50 -16.01
C THR B 59 9.38 4.92 -14.58
N TYR B 60 8.76 6.09 -14.44
CA TYR B 60 8.40 6.66 -13.13
C TYR B 60 6.98 7.12 -13.15
N ILE B 61 6.35 7.12 -11.97
CA ILE B 61 5.04 7.72 -11.78
C ILE B 61 5.20 8.85 -10.77
N LEU B 62 4.73 10.04 -11.17
CA LEU B 62 4.65 11.20 -10.31
C LEU B 62 3.19 11.44 -9.95
N GLY B 63 2.92 11.64 -8.66
CA GLY B 63 1.56 11.81 -8.16
C GLY B 63 1.50 12.76 -6.96
N ALA B 64 0.37 13.43 -6.80
CA ALA B 64 0.17 14.31 -5.67
C ALA B 64 -1.31 14.61 -5.48
N TRP B 65 -1.68 14.93 -4.25
CA TRP B 65 -2.99 15.51 -3.93
C TRP B 65 -2.88 17.02 -3.88
N GLY B 66 -3.86 17.74 -4.43
CA GLY B 66 -3.77 19.17 -4.35
C GLY B 66 -5.15 19.80 -4.45
N LYS B 67 -5.26 21.03 -3.96
CA LYS B 67 -6.45 21.87 -4.09
C LYS B 67 -6.13 23.33 -3.82
N PHE B 68 -6.83 24.20 -4.53
CA PHE B 68 -6.91 25.60 -4.15
C PHE B 68 -8.03 25.77 -3.12
N THR B 69 -7.91 26.78 -2.26
CA THR B 69 -8.95 27.05 -1.26
C THR B 69 -10.19 27.68 -1.87
N ALA B 70 -10.01 28.41 -2.97
CA ALA B 70 -11.11 29.01 -3.75
C ALA B 70 -10.64 29.08 -5.20
N LYS B 71 -11.56 29.34 -6.15
CA LYS B 71 -11.12 29.33 -7.56
C LYS B 71 -9.96 30.30 -7.81
N PRO B 72 -8.87 29.79 -8.41
CA PRO B 72 -7.71 30.64 -8.68
C PRO B 72 -7.82 31.42 -9.97
N GLY B 73 -6.86 32.30 -10.22
CA GLY B 73 -6.71 32.90 -11.55
C GLY B 73 -6.11 31.90 -12.51
N THR B 74 -4.99 31.27 -12.10
CA THR B 74 -4.32 30.36 -13.01
C THR B 74 -4.23 28.94 -12.43
N TYR B 75 -3.05 28.55 -11.98
CA TYR B 75 -2.80 27.15 -11.65
C TYR B 75 -1.60 26.97 -10.74
N CYS B 76 -1.42 25.73 -10.27
CA CYS B 76 -0.21 25.32 -9.60
C CYS B 76 0.22 24.00 -10.25
N ASP B 77 1.51 23.93 -10.60
CA ASP B 77 2.07 22.78 -11.31
C ASP B 77 2.92 21.96 -10.37
N VAL B 78 2.88 20.64 -10.57
CA VAL B 78 3.77 19.69 -9.91
C VAL B 78 4.55 19.03 -11.05
N ILE B 79 5.87 19.16 -11.04
CA ILE B 79 6.70 18.90 -12.22
C ILE B 79 7.94 18.08 -11.88
N VAL B 80 8.29 17.15 -12.77
CA VAL B 80 9.64 16.57 -12.81
C VAL B 80 10.20 16.97 -14.18
N GLN B 81 11.33 17.67 -14.17
CA GLN B 81 11.90 18.27 -15.37
C GLN B 81 13.38 18.00 -15.53
N TYR B 82 13.83 17.99 -16.78
CA TYR B 82 15.23 17.73 -17.14
C TYR B 82 15.47 18.05 -18.61
N HIS B 83 16.73 18.35 -18.92
CA HIS B 83 17.19 18.49 -20.30
C HIS B 83 17.59 17.14 -20.82
N LEU B 84 17.27 16.86 -22.08
CA LEU B 84 17.84 15.69 -22.75
C LEU B 84 19.31 16.01 -23.02
N LYS B 85 20.13 14.98 -23.21
CA LYS B 85 21.54 15.15 -23.57
C LYS B 85 21.70 15.08 -25.08
N ASP B 86 20.84 15.79 -25.80
CA ASP B 86 20.89 15.88 -27.25
C ASP B 86 21.54 17.19 -27.69
N ALA B 87 21.79 17.30 -29.00
CA ALA B 87 22.52 18.43 -29.58
C ALA B 87 22.01 19.81 -29.15
N ASN B 88 20.69 20.04 -29.28
CA ASN B 88 20.10 21.33 -28.93
C ASN B 88 19.36 21.31 -27.58
N ASN B 89 19.77 20.37 -26.74
CA ASN B 89 19.28 20.21 -25.36
C ASN B 89 17.79 20.51 -25.10
N THR B 90 16.94 19.61 -25.59
CA THR B 90 15.50 19.71 -25.37
C THR B 90 15.21 19.73 -23.89
N TYR B 91 14.25 20.56 -23.49
CA TYR B 91 13.76 20.60 -22.12
C TYR B 91 12.50 19.77 -22.01
N VAL B 92 12.48 18.82 -21.07
CA VAL B 92 11.32 17.99 -20.81
C VAL B 92 10.70 18.31 -19.44
N GLN B 93 9.41 18.61 -19.46
CA GLN B 93 8.66 18.79 -18.22
C GLN B 93 7.50 17.81 -18.17
N ASN B 94 7.50 16.97 -17.14
CA ASN B 94 6.37 16.10 -16.83
C ASN B 94 5.51 16.80 -15.80
N ILE B 95 4.35 17.28 -16.23
CA ILE B 95 3.59 18.26 -15.46
C ILE B 95 2.24 17.76 -15.00
N LEU B 96 1.94 17.99 -13.73
CA LEU B 96 0.57 17.91 -13.22
C LEU B 96 0.11 19.33 -12.94
N ARG B 97 -0.93 19.78 -13.63
CA ARG B 97 -1.40 21.14 -13.49
C ARG B 97 -2.72 21.15 -12.75
N PHE B 98 -2.75 21.80 -11.58
CA PHE B 98 -3.95 21.85 -10.73
C PHE B 98 -4.62 23.20 -10.80
N THR B 99 -5.95 23.17 -10.86
CA THR B 99 -6.77 24.37 -10.83
C THR B 99 -7.99 24.15 -9.93
N GLU B 100 -8.12 22.94 -9.39
CA GLU B 100 -9.36 22.49 -8.74
C GLU B 100 -9.47 23.03 -7.31
N THR B 101 -10.70 23.14 -6.81
CA THR B 101 -10.91 23.64 -5.44
C THR B 101 -11.39 22.56 -4.44
N ASP B 102 -11.52 21.32 -4.90
CA ASP B 102 -11.64 20.18 -3.99
C ASP B 102 -10.39 19.33 -4.13
N TRP B 103 -10.08 18.53 -3.10
CA TRP B 103 -8.91 17.65 -3.17
C TRP B 103 -8.97 16.83 -4.45
N THR B 104 -7.87 16.85 -5.20
CA THR B 104 -7.82 16.20 -6.49
C THR B 104 -6.49 15.46 -6.55
N TYR B 105 -6.53 14.22 -7.01
CA TYR B 105 -5.31 13.44 -7.23
C TYR B 105 -4.97 13.41 -8.72
N LYS B 106 -3.73 13.75 -9.05
CA LYS B 106 -3.27 13.63 -10.43
C LYS B 106 -1.99 12.81 -10.45
N GLN B 107 -1.78 12.09 -11.54
CA GLN B 107 -0.51 11.43 -11.76
C GLN B 107 -0.11 11.40 -13.24
N VAL B 108 1.19 11.32 -13.48
CA VAL B 108 1.74 11.20 -14.83
C VAL B 108 2.78 10.06 -14.85
N VAL B 109 2.65 9.17 -15.82
CA VAL B 109 3.64 8.11 -16.06
C VAL B 109 4.51 8.56 -17.23
N PHE B 110 5.83 8.49 -17.04
CA PHE B 110 6.79 8.92 -18.03
C PHE B 110 8.01 8.01 -17.98
N THR B 111 8.78 7.97 -19.07
CA THR B 111 9.98 7.15 -19.14
C THR B 111 11.15 8.07 -19.49
N THR B 112 12.22 7.99 -18.70
CA THR B 112 13.40 8.86 -18.84
C THR B 112 14.29 8.45 -20.02
N PRO B 113 15.02 9.42 -20.63
CA PRO B 113 15.88 9.11 -21.78
C PRO B 113 17.15 8.37 -21.35
N ASP B 114 18.00 8.00 -22.30
CA ASP B 114 19.21 7.20 -21.99
C ASP B 114 20.30 8.00 -21.28
N ALA B 115 20.16 9.33 -21.25
CA ALA B 115 21.13 10.23 -20.63
C ALA B 115 20.50 11.60 -20.37
N PHE B 116 20.94 12.26 -19.31
CA PHE B 116 20.39 13.58 -18.96
C PHE B 116 21.36 14.68 -19.36
N GLY B 117 20.81 15.79 -19.86
CA GLY B 117 21.60 16.98 -20.16
C GLY B 117 21.70 17.95 -18.99
N SER B 118 20.85 17.75 -17.99
CA SER B 118 20.91 18.49 -16.73
C SER B 118 20.40 17.59 -15.60
N ASP B 119 20.77 17.92 -14.36
CA ASP B 119 20.33 17.19 -13.17
C ASP B 119 18.82 17.29 -13.01
N PRO B 120 18.10 16.14 -13.01
CA PRO B 120 16.64 16.18 -12.87
C PRO B 120 16.17 16.86 -11.58
N GLU B 121 15.06 17.57 -11.68
CA GLU B 121 14.48 18.30 -10.55
C GLU B 121 13.01 17.97 -10.43
N PHE B 122 12.54 17.90 -9.19
CA PHE B 122 11.13 17.98 -8.89
C PHE B 122 10.85 19.43 -8.49
N VAL B 123 9.80 20.01 -9.04
CA VAL B 123 9.40 21.38 -8.67
C VAL B 123 7.90 21.43 -8.50
N LEU B 124 7.49 22.07 -7.42
CA LEU B 124 6.10 22.45 -7.21
C LEU B 124 6.10 23.98 -7.37
N TRP B 125 5.35 24.47 -8.36
CA TRP B 125 5.37 25.88 -8.72
C TRP B 125 3.96 26.44 -8.90
N LYS B 126 3.63 27.40 -8.07
CA LYS B 126 2.32 28.04 -8.12
C LYS B 126 2.43 29.35 -8.89
N ASP B 127 2.01 29.32 -10.16
CA ASP B 127 2.00 30.51 -10.98
C ASP B 127 0.97 31.51 -10.45
N ASP B 128 -0.13 30.97 -9.93
CA ASP B 128 -1.21 31.82 -9.40
C ASP B 128 -0.77 32.67 -8.22
N ALA B 129 -1.24 33.92 -8.20
CA ALA B 129 -1.03 34.85 -7.09
C ALA B 129 -2.36 35.50 -6.68
N SER B 130 -3.48 34.84 -6.95
CA SER B 130 -4.78 35.28 -6.47
C SER B 130 -4.88 35.01 -4.98
N ASN B 131 -6.01 35.38 -4.40
CA ASN B 131 -6.20 35.23 -2.96
C ASN B 131 -6.14 33.80 -2.43
N ALA B 132 -6.57 32.84 -3.24
CA ALA B 132 -6.65 31.45 -2.81
C ALA B 132 -5.29 30.93 -2.34
N ASP B 133 -5.28 30.12 -1.28
CA ASP B 133 -4.09 29.37 -0.94
C ASP B 133 -4.14 28.06 -1.72
N PHE B 134 -3.01 27.37 -1.85
CA PHE B 134 -3.02 26.05 -2.45
C PHE B 134 -2.52 25.06 -1.40
N TYR B 135 -3.11 23.88 -1.34
CA TYR B 135 -2.63 22.85 -0.41
C TYR B 135 -2.09 21.70 -1.21
N ALA B 136 -0.90 21.20 -0.85
CA ALA B 136 -0.36 20.00 -1.51
C ALA B 136 -0.04 18.97 -0.46
N ASP B 137 -0.26 17.69 -0.76
CA ASP B 137 0.11 16.61 0.20
C ASP B 137 0.38 15.29 -0.53
N ASN B 138 1.08 14.38 0.15
CA ASN B 138 1.31 13.04 -0.43
C ASN B 138 1.92 13.07 -1.84
N ILE B 139 2.97 13.87 -1.96
CA ILE B 139 3.72 14.02 -3.21
C ILE B 139 4.63 12.81 -3.33
N THR B 140 4.50 12.09 -4.45
CA THR B 140 5.15 10.78 -4.63
C THR B 140 5.81 10.74 -6.00
N LEU B 141 7.02 10.18 -6.07
CA LEU B 141 7.69 9.86 -7.31
C LEU B 141 8.33 8.49 -7.10
N VAL B 142 7.82 7.48 -7.79
CA VAL B 142 8.32 6.11 -7.62
C VAL B 142 8.67 5.45 -8.94
N GLU B 143 9.63 4.53 -8.88
CA GLU B 143 10.15 3.82 -10.05
C GLU B 143 9.13 2.89 -10.72
N VAL C 1 10.84 -6.26 -16.05
CA VAL C 1 9.43 -6.74 -15.97
C VAL C 1 9.25 -8.13 -16.61
N SER C 2 8.92 -9.11 -15.77
CA SER C 2 8.66 -10.48 -16.23
C SER C 2 7.17 -10.66 -16.43
N ASN C 3 6.80 -11.06 -17.65
CA ASN C 3 5.40 -11.30 -17.94
C ASN C 3 4.95 -12.62 -17.33
N LEU C 4 3.87 -12.56 -16.56
CA LEU C 4 3.26 -13.76 -15.95
C LEU C 4 2.47 -14.56 -16.98
N ILE C 5 2.08 -13.90 -18.07
CA ILE C 5 1.42 -14.53 -19.22
C ILE C 5 2.46 -15.17 -20.13
N VAL C 6 2.25 -16.44 -20.45
CA VAL C 6 3.14 -17.16 -21.34
C VAL C 6 2.68 -16.85 -22.77
N ASN C 7 3.62 -16.37 -23.59
CA ASN C 7 3.33 -16.11 -25.03
C ASN C 7 2.15 -15.17 -25.21
N GLY C 8 2.23 -14.01 -24.55
CA GLY C 8 1.20 -12.98 -24.67
C GLY C 8 1.24 -12.22 -25.99
N THR C 9 2.25 -12.49 -26.82
CA THR C 9 2.48 -11.74 -28.06
C THR C 9 2.08 -12.54 -29.29
N ALA C 10 1.62 -13.77 -29.06
CA ALA C 10 1.35 -14.74 -30.11
C ALA C 10 2.57 -15.13 -30.91
N GLU C 11 3.74 -14.71 -30.46
CA GLU C 11 4.91 -14.93 -31.26
C GLU C 11 5.28 -16.40 -31.31
N ASN C 12 4.76 -17.19 -30.37
CA ASN C 12 4.90 -18.65 -30.43
C ASN C 12 3.61 -19.39 -30.77
N GLY C 13 2.83 -18.79 -31.67
CA GLY C 13 1.50 -19.28 -32.01
C GLY C 13 0.58 -19.35 -30.82
N MET C 14 -0.09 -20.49 -30.68
CA MET C 14 -0.97 -20.72 -29.56
C MET C 14 -0.27 -21.46 -28.41
N ASP C 15 1.06 -21.62 -28.52
CA ASP C 15 1.81 -22.26 -27.44
C ASP C 15 1.61 -21.55 -26.10
N GLY C 16 1.50 -22.32 -25.02
CA GLY C 16 1.29 -21.72 -23.69
C GLY C 16 -0.18 -21.46 -23.38
N TRP C 17 -1.04 -21.71 -24.36
CA TRP C 17 -2.48 -21.49 -24.26
C TRP C 17 -3.21 -22.81 -24.43
N PRO C 18 -3.97 -23.23 -23.40
CA PRO C 18 -4.72 -24.48 -23.41
C PRO C 18 -5.87 -24.44 -24.43
N ASP C 19 -6.06 -25.54 -25.14
CA ASP C 19 -7.12 -25.60 -26.15
C ASP C 19 -8.48 -25.79 -25.49
N TRP C 20 -9.24 -24.70 -25.40
CA TRP C 20 -10.60 -24.75 -24.89
C TRP C 20 -11.63 -25.14 -25.95
N GLY C 21 -11.19 -25.26 -27.20
CA GLY C 21 -12.09 -25.61 -28.30
C GLY C 21 -12.82 -24.42 -28.93
N TYR C 22 -12.42 -23.20 -28.58
CA TYR C 22 -12.96 -21.98 -29.21
C TYR C 22 -12.18 -21.58 -30.47
N PRO C 23 -12.79 -20.73 -31.31
CA PRO C 23 -12.13 -20.29 -32.55
C PRO C 23 -11.10 -19.20 -32.28
N VAL C 24 -9.97 -19.59 -31.69
CA VAL C 24 -8.90 -18.66 -31.40
C VAL C 24 -7.71 -19.15 -32.17
N SER C 25 -7.21 -18.31 -33.06
CA SER C 25 -5.98 -18.63 -33.79
C SER C 25 -4.88 -17.57 -33.58
N ALA C 26 -3.63 -17.94 -33.86
CA ALA C 26 -2.54 -16.97 -33.85
C ALA C 26 -2.06 -16.78 -35.29
N VAL C 27 -2.38 -15.63 -35.85
CA VAL C 27 -2.25 -15.40 -37.29
C VAL C 27 -1.69 -13.99 -37.61
N PRO C 28 -0.99 -13.85 -38.76
CA PRO C 28 -0.42 -12.57 -39.18
C PRO C 28 -1.45 -11.42 -39.28
N GLU C 29 -2.66 -11.71 -39.76
CA GLU C 29 -3.67 -10.65 -39.95
C GLU C 29 -4.02 -9.90 -38.66
N ALA C 30 -3.79 -10.56 -37.52
CA ALA C 30 -4.20 -10.03 -36.22
C ALA C 30 -3.10 -9.30 -35.45
N ALA C 31 -1.90 -9.25 -36.02
CA ALA C 31 -0.75 -8.72 -35.29
C ALA C 31 -0.93 -7.23 -35.08
N TYR C 32 -0.64 -6.78 -33.87
CA TYR C 32 -0.31 -5.39 -33.59
C TYR C 32 1.18 -5.22 -33.90
N GLY C 33 2.00 -6.05 -33.24
CA GLY C 33 3.43 -6.13 -33.49
C GLY C 33 3.94 -7.54 -33.69
N GLY C 34 5.22 -7.69 -34.06
CA GLY C 34 5.81 -9.01 -34.27
C GLY C 34 5.32 -9.66 -35.55
N THR C 35 4.98 -10.95 -35.49
CA THR C 35 4.59 -11.65 -36.71
C THR C 35 3.13 -12.07 -36.68
N LYS C 36 2.54 -12.10 -35.49
CA LYS C 36 1.22 -12.71 -35.31
C LYS C 36 0.46 -11.96 -34.23
N GLY C 37 -0.86 -12.10 -34.23
CA GLY C 37 -1.66 -11.67 -33.09
C GLY C 37 -2.72 -12.73 -32.86
N PHE C 38 -3.54 -12.57 -31.84
CA PHE C 38 -4.60 -13.52 -31.59
C PHE C 38 -5.85 -13.05 -32.30
N LYS C 39 -6.48 -13.93 -33.07
CA LYS C 39 -7.73 -13.63 -33.75
C LYS C 39 -8.83 -14.48 -33.10
N LEU C 40 -9.87 -13.82 -32.58
CA LEU C 40 -11.04 -14.53 -32.08
C LEU C 40 -12.13 -14.31 -33.12
N SER C 41 -12.57 -15.40 -33.75
CA SER C 41 -13.47 -15.29 -34.90
C SER C 41 -14.79 -14.68 -34.53
N GLY C 42 -15.34 -13.91 -35.46
CA GLY C 42 -16.74 -13.51 -35.39
C GLY C 42 -17.63 -14.72 -35.58
N GLY C 43 -18.91 -14.56 -35.31
CA GLY C 43 -19.89 -15.63 -35.50
C GLY C 43 -20.18 -16.47 -34.27
N LYS C 44 -19.27 -16.42 -33.30
CA LYS C 44 -19.42 -17.23 -32.09
C LYS C 44 -18.72 -16.56 -30.94
N GLN C 45 -19.08 -16.94 -29.74
CA GLN C 45 -18.30 -16.54 -28.57
C GLN C 45 -16.97 -17.30 -28.58
N ALA C 46 -15.94 -16.72 -27.98
CA ALA C 46 -14.61 -17.32 -28.00
C ALA C 46 -13.79 -16.84 -26.83
N GLY C 47 -12.93 -17.72 -26.33
CA GLY C 47 -12.01 -17.32 -25.26
C GLY C 47 -10.80 -18.21 -25.16
N MET C 48 -9.82 -17.73 -24.39
CA MET C 48 -8.61 -18.48 -24.05
C MET C 48 -8.17 -18.01 -22.68
N GLY C 49 -7.27 -18.74 -22.04
CA GLY C 49 -6.85 -18.39 -20.68
C GLY C 49 -5.73 -19.23 -20.17
N GLN C 50 -5.11 -18.78 -19.08
CA GLN C 50 -4.09 -19.58 -18.44
C GLN C 50 -4.11 -19.34 -16.95
N LYS C 51 -3.56 -20.30 -16.22
CA LYS C 51 -3.29 -20.12 -14.81
C LYS C 51 -2.15 -19.12 -14.67
N VAL C 52 -2.31 -18.16 -13.76
CA VAL C 52 -1.23 -17.20 -13.46
C VAL C 52 -0.81 -17.27 -12.00
N ALA C 53 0.50 -17.15 -11.79
CA ALA C 53 1.07 -17.35 -10.47
C ALA C 53 1.20 -16.01 -9.72
N LEU C 54 0.05 -15.47 -9.33
CA LEU C 54 0.00 -14.23 -8.56
C LEU C 54 0.44 -14.45 -7.13
N LYS C 55 1.29 -13.55 -6.63
CA LYS C 55 1.70 -13.55 -5.23
C LYS C 55 0.72 -12.70 -4.42
N PRO C 56 0.41 -13.11 -3.16
CA PRO C 56 -0.46 -12.28 -2.32
C PRO C 56 0.19 -10.92 -2.01
N ASN C 57 -0.62 -9.92 -1.64
CA ASN C 57 -0.11 -8.61 -1.17
C ASN C 57 0.85 -7.95 -2.15
N THR C 58 0.60 -8.15 -3.44
CA THR C 58 1.48 -7.73 -4.52
C THR C 58 0.67 -6.94 -5.54
N THR C 59 1.23 -5.85 -6.05
CA THR C 59 0.54 -5.07 -7.09
C THR C 59 0.97 -5.50 -8.48
N TYR C 60 -0.02 -5.65 -9.36
CA TYR C 60 0.18 -6.09 -10.73
C TYR C 60 -0.40 -5.07 -11.72
N ILE C 61 0.18 -5.02 -12.92
CA ILE C 61 -0.42 -4.28 -14.06
C ILE C 61 -0.81 -5.27 -15.17
N LEU C 62 -2.10 -5.26 -15.55
CA LEU C 62 -2.58 -6.04 -16.69
C LEU C 62 -2.83 -5.13 -17.88
N GLY C 63 -2.25 -5.45 -19.03
CA GLY C 63 -2.47 -4.64 -20.23
C GLY C 63 -2.58 -5.47 -21.49
N ALA C 64 -3.29 -4.95 -22.49
CA ALA C 64 -3.40 -5.59 -23.81
C ALA C 64 -3.77 -4.59 -24.90
N TRP C 65 -3.35 -4.87 -26.14
CA TRP C 65 -3.87 -4.14 -27.30
C TRP C 65 -5.01 -4.97 -27.89
N GLY C 66 -6.08 -4.31 -28.31
CA GLY C 66 -7.23 -5.00 -28.85
C GLY C 66 -8.02 -4.13 -29.81
N LYS C 67 -8.70 -4.78 -30.75
CA LYS C 67 -9.64 -4.10 -31.66
C LYS C 67 -10.57 -5.09 -32.33
N PHE C 68 -11.81 -4.68 -32.58
CA PHE C 68 -12.70 -5.43 -33.44
C PHE C 68 -12.47 -5.03 -34.91
N THR C 69 -12.75 -5.92 -35.86
CA THR C 69 -12.52 -5.59 -37.28
C THR C 69 -13.60 -4.66 -37.79
N ALA C 70 -14.76 -4.70 -37.13
CA ALA C 70 -15.90 -3.85 -37.47
C ALA C 70 -16.74 -3.73 -36.21
N LYS C 71 -17.69 -2.80 -36.18
CA LYS C 71 -18.46 -2.55 -34.97
C LYS C 71 -19.16 -3.82 -34.50
N PRO C 72 -18.92 -4.23 -33.24
CA PRO C 72 -19.52 -5.45 -32.70
C PRO C 72 -20.91 -5.20 -32.12
N GLY C 73 -21.60 -6.28 -31.74
CA GLY C 73 -22.81 -6.17 -30.93
C GLY C 73 -22.47 -5.83 -29.49
N THR C 74 -21.57 -6.60 -28.89
CA THR C 74 -21.21 -6.44 -27.48
C THR C 74 -19.73 -6.13 -27.27
N TYR C 75 -18.93 -7.07 -26.78
CA TYR C 75 -17.59 -6.76 -26.28
C TYR C 75 -16.66 -7.95 -26.15
N CYS C 76 -15.38 -7.66 -25.95
CA CYS C 76 -14.40 -8.67 -25.56
C CYS C 76 -13.76 -8.22 -24.26
N ASP C 77 -13.69 -9.12 -23.28
CA ASP C 77 -13.00 -8.85 -22.01
C ASP C 77 -11.63 -9.52 -21.90
N VAL C 78 -10.72 -8.82 -21.22
CA VAL C 78 -9.42 -9.31 -20.80
C VAL C 78 -9.49 -9.30 -19.26
N ILE C 79 -9.20 -10.43 -18.61
CA ILE C 79 -9.46 -10.58 -17.15
C ILE C 79 -8.39 -11.35 -16.34
N VAL C 80 -8.12 -10.89 -15.13
CA VAL C 80 -7.45 -11.72 -14.13
C VAL C 80 -8.42 -11.89 -12.98
N GLN C 81 -8.77 -13.14 -12.68
CA GLN C 81 -9.78 -13.46 -11.67
C GLN C 81 -9.27 -14.47 -10.67
N TYR C 82 -9.83 -14.40 -9.47
CA TYR C 82 -9.51 -15.27 -8.33
C TYR C 82 -10.59 -15.04 -7.27
N HIS C 83 -10.77 -16.03 -6.41
CA HIS C 83 -11.61 -15.84 -5.23
C HIS C 83 -10.70 -15.37 -4.11
N LEU C 84 -11.28 -14.57 -3.20
CA LEU C 84 -10.60 -14.24 -1.96
C LEU C 84 -10.76 -15.45 -1.04
N LYS C 85 -9.97 -15.49 0.03
CA LYS C 85 -10.09 -16.54 1.04
C LYS C 85 -10.95 -16.02 2.19
N ASP C 86 -11.78 -15.01 1.90
CA ASP C 86 -12.66 -14.42 2.90
C ASP C 86 -13.84 -15.33 3.19
N ALA C 87 -14.58 -14.99 4.24
CA ALA C 87 -15.67 -15.80 4.73
C ALA C 87 -16.83 -15.91 3.72
N ASN C 88 -16.97 -14.90 2.87
CA ASN C 88 -18.06 -14.84 1.89
C ASN C 88 -17.65 -15.34 0.50
N ASN C 89 -16.39 -15.76 0.39
CA ASN C 89 -15.80 -16.23 -0.86
C ASN C 89 -15.99 -15.27 -2.03
N THR C 90 -15.63 -14.01 -1.78
CA THR C 90 -15.83 -12.94 -2.76
C THR C 90 -15.01 -13.19 -4.03
N TYR C 91 -15.71 -13.30 -5.14
CA TYR C 91 -15.08 -13.44 -6.46
C TYR C 91 -14.63 -12.09 -6.98
N VAL C 92 -13.38 -12.02 -7.45
CA VAL C 92 -12.78 -10.80 -7.93
C VAL C 92 -12.40 -10.96 -9.40
N GLN C 93 -12.80 -9.97 -10.21
CA GLN C 93 -12.39 -9.94 -11.60
C GLN C 93 -11.77 -8.60 -11.93
N ASN C 94 -10.57 -8.64 -12.48
CA ASN C 94 -9.88 -7.44 -12.91
C ASN C 94 -9.98 -7.42 -14.42
N ILE C 95 -10.77 -6.45 -14.92
CA ILE C 95 -11.36 -6.54 -16.25
C ILE C 95 -11.03 -5.36 -17.16
N LEU C 96 -10.60 -5.68 -18.38
CA LEU C 96 -10.51 -4.70 -19.47
C LEU C 96 -11.55 -5.04 -20.52
N ARG C 97 -12.43 -4.09 -20.82
CA ARG C 97 -13.52 -4.36 -21.74
C ARG C 97 -13.42 -3.56 -23.01
N PHE C 98 -13.19 -4.27 -24.12
CA PHE C 98 -12.95 -3.66 -25.42
C PHE C 98 -14.22 -3.69 -26.25
N THR C 99 -14.50 -2.60 -26.94
CA THR C 99 -15.60 -2.52 -27.91
C THR C 99 -15.13 -1.82 -29.19
N GLU C 100 -13.88 -1.35 -29.19
CA GLU C 100 -13.39 -0.41 -30.20
C GLU C 100 -13.02 -1.08 -31.54
N THR C 101 -13.01 -0.30 -32.62
CA THR C 101 -12.71 -0.83 -33.96
C THR C 101 -11.37 -0.35 -34.52
N ASP C 102 -10.61 0.33 -33.67
CA ASP C 102 -9.21 0.66 -33.91
C ASP C 102 -8.39 0.10 -32.79
N TRP C 103 -7.13 -0.20 -33.07
CA TRP C 103 -6.20 -0.62 -32.04
C TRP C 103 -6.30 0.29 -30.83
N THR C 104 -6.53 -0.31 -29.67
CA THR C 104 -6.70 0.39 -28.40
C THR C 104 -5.92 -0.33 -27.33
N TYR C 105 -5.15 0.42 -26.54
CA TYR C 105 -4.43 -0.14 -25.40
C TYR C 105 -5.23 0.12 -24.13
N LYS C 106 -5.42 -0.91 -23.32
CA LYS C 106 -6.00 -0.71 -21.99
C LYS C 106 -5.19 -1.44 -20.94
N GLN C 107 -5.32 -0.97 -19.70
CA GLN C 107 -4.58 -1.58 -18.60
C GLN C 107 -5.34 -1.34 -17.31
N VAL C 108 -5.00 -2.14 -16.31
CA VAL C 108 -5.59 -1.99 -14.99
C VAL C 108 -4.53 -2.40 -13.99
N VAL C 109 -4.34 -1.57 -12.98
CA VAL C 109 -3.47 -1.85 -11.85
C VAL C 109 -4.36 -2.38 -10.72
N PHE C 110 -3.94 -3.47 -10.08
CA PHE C 110 -4.65 -4.06 -8.96
C PHE C 110 -3.68 -4.67 -7.95
N THR C 111 -4.10 -4.73 -6.69
CA THR C 111 -3.30 -5.34 -5.64
C THR C 111 -4.03 -6.60 -5.17
N THR C 112 -3.24 -7.66 -4.96
CA THR C 112 -3.76 -8.94 -4.52
C THR C 112 -3.96 -9.00 -3.00
N PRO C 113 -4.94 -9.80 -2.55
CA PRO C 113 -5.20 -9.99 -1.13
C PRO C 113 -4.06 -10.77 -0.45
N ASP C 114 -4.19 -11.01 0.85
CA ASP C 114 -3.16 -11.75 1.60
C ASP C 114 -3.26 -13.26 1.40
N ALA C 115 -4.29 -13.69 0.66
CA ALA C 115 -4.57 -15.11 0.43
C ALA C 115 -5.59 -15.28 -0.68
N PHE C 116 -5.49 -16.40 -1.40
CA PHE C 116 -6.43 -16.71 -2.48
C PHE C 116 -7.40 -17.81 -2.07
N GLY C 117 -8.64 -17.69 -2.53
CA GLY C 117 -9.66 -18.72 -2.32
C GLY C 117 -9.65 -19.75 -3.43
N SER C 118 -9.03 -19.38 -4.55
CA SER C 118 -8.90 -20.26 -5.70
C SER C 118 -7.67 -19.82 -6.49
N ASP C 119 -7.16 -20.70 -7.36
CA ASP C 119 -5.99 -20.38 -8.18
C ASP C 119 -6.31 -19.25 -9.16
N PRO C 120 -5.56 -18.13 -9.08
CA PRO C 120 -5.71 -17.03 -10.03
C PRO C 120 -5.58 -17.45 -11.51
N GLU C 121 -6.40 -16.84 -12.36
CA GLU C 121 -6.48 -17.21 -13.78
C GLU C 121 -6.58 -15.98 -14.61
N PHE C 122 -5.94 -16.02 -15.79
CA PHE C 122 -6.17 -15.01 -16.80
C PHE C 122 -7.13 -15.59 -17.83
N VAL C 123 -8.14 -14.81 -18.22
CA VAL C 123 -9.06 -15.22 -19.29
C VAL C 123 -9.30 -14.06 -20.25
N LEU C 124 -9.26 -14.36 -21.55
CA LEU C 124 -9.73 -13.46 -22.62
C LEU C 124 -11.08 -14.04 -23.09
N TRP C 125 -12.16 -13.28 -22.95
CA TRP C 125 -13.48 -13.81 -23.25
C TRP C 125 -14.29 -12.83 -24.10
N LYS C 126 -14.61 -13.29 -25.31
CA LYS C 126 -15.43 -12.53 -26.24
C LYS C 126 -16.88 -12.94 -26.12
N ASP C 127 -17.68 -12.07 -25.50
CA ASP C 127 -19.13 -12.25 -25.41
C ASP C 127 -19.80 -12.08 -26.79
N ASP C 128 -19.25 -11.15 -27.58
CA ASP C 128 -19.77 -10.83 -28.90
C ASP C 128 -19.74 -12.03 -29.85
N ALA C 129 -20.79 -12.16 -30.67
CA ALA C 129 -20.86 -13.23 -31.64
C ALA C 129 -21.30 -12.70 -32.99
N SER C 130 -21.11 -11.40 -33.20
CA SER C 130 -21.43 -10.76 -34.49
C SER C 130 -20.38 -11.14 -35.53
N ASN C 131 -20.56 -10.67 -36.75
CA ASN C 131 -19.60 -10.96 -37.83
C ASN C 131 -18.15 -10.51 -37.58
N ALA C 132 -18.00 -9.42 -36.83
CA ALA C 132 -16.68 -8.87 -36.58
C ALA C 132 -15.74 -9.86 -35.89
N ASP C 133 -14.47 -9.96 -36.36
CA ASP C 133 -13.44 -10.70 -35.63
C ASP C 133 -12.83 -9.76 -34.59
N PHE C 134 -12.17 -10.33 -33.59
CA PHE C 134 -11.47 -9.53 -32.60
C PHE C 134 -9.97 -9.86 -32.67
N TYR C 135 -9.11 -8.86 -32.57
CA TYR C 135 -7.66 -9.10 -32.63
C TYR C 135 -7.09 -8.66 -31.30
N ALA C 136 -6.24 -9.47 -30.70
CA ALA C 136 -5.58 -9.11 -29.43
C ALA C 136 -4.09 -9.42 -29.57
N ASP C 137 -3.27 -8.62 -28.89
CA ASP C 137 -1.82 -8.78 -28.98
C ASP C 137 -1.17 -8.03 -27.82
N ASN C 138 0.10 -8.34 -27.56
CA ASN C 138 0.85 -7.79 -26.43
C ASN C 138 0.07 -7.79 -25.13
N ILE C 139 -0.41 -8.97 -24.76
CA ILE C 139 -1.09 -9.19 -23.49
C ILE C 139 -0.03 -9.35 -22.42
N THR C 140 -0.05 -8.47 -21.43
CA THR C 140 1.00 -8.37 -20.40
C THR C 140 0.42 -8.43 -18.97
N LEU C 141 1.08 -9.16 -18.08
CA LEU C 141 0.72 -9.14 -16.66
C LEU C 141 2.01 -9.16 -15.89
N VAL C 142 2.32 -8.04 -15.23
CA VAL C 142 3.63 -7.84 -14.58
C VAL C 142 3.53 -7.19 -13.19
N GLU C 143 4.45 -7.55 -12.31
CA GLU C 143 4.37 -7.16 -10.88
C GLU C 143 4.44 -5.65 -10.59
N SER D 2 12.46 -2.41 0.66
CA SER D 2 11.75 -2.22 1.96
C SER D 2 12.02 -3.37 2.89
N ASN D 3 12.47 -3.02 4.09
CA ASN D 3 12.61 -4.00 5.14
C ASN D 3 11.21 -4.46 5.56
N LEU D 4 11.03 -5.78 5.62
CA LEU D 4 9.82 -6.38 6.18
C LEU D 4 9.81 -6.26 7.72
N ILE D 5 11.00 -6.08 8.30
CA ILE D 5 11.12 -5.85 9.75
C ILE D 5 10.85 -4.38 10.02
N VAL D 6 9.99 -4.11 11.01
CA VAL D 6 9.74 -2.74 11.47
C VAL D 6 10.77 -2.36 12.52
N ASN D 7 11.42 -1.21 12.32
CA ASN D 7 12.39 -0.69 13.30
C ASN D 7 13.50 -1.72 13.62
N GLY D 8 14.14 -2.21 12.57
CA GLY D 8 15.25 -3.16 12.74
C GLY D 8 16.54 -2.51 13.17
N THR D 9 16.52 -1.18 13.30
CA THR D 9 17.69 -0.36 13.65
C THR D 9 17.70 0.11 15.10
N ALA D 10 16.61 -0.12 15.84
CA ALA D 10 16.43 0.41 17.20
C ALA D 10 16.27 1.91 17.29
N GLU D 11 16.16 2.57 16.15
CA GLU D 11 16.15 4.04 16.14
C GLU D 11 14.88 4.64 16.73
N ASN D 12 13.81 3.86 16.77
CA ASN D 12 12.60 4.26 17.49
C ASN D 12 12.42 3.50 18.81
N GLY D 13 13.54 3.12 19.42
CA GLY D 13 13.50 2.35 20.66
C GLY D 13 12.90 0.97 20.44
N MET D 14 11.95 0.59 21.28
CA MET D 14 11.32 -0.72 21.17
C MET D 14 10.01 -0.72 20.39
N ASP D 15 9.64 0.42 19.80
CA ASP D 15 8.44 0.52 18.96
C ASP D 15 8.41 -0.49 17.83
N GLY D 16 7.22 -1.04 17.56
CA GLY D 16 7.07 -2.05 16.52
C GLY D 16 7.39 -3.45 17.01
N TRP D 17 7.93 -3.53 18.23
CA TRP D 17 8.34 -4.78 18.86
C TRP D 17 7.45 -5.12 20.04
N PRO D 18 6.62 -6.18 19.89
CA PRO D 18 5.74 -6.65 20.97
C PRO D 18 6.53 -6.95 22.24
N ASP D 19 5.93 -6.68 23.38
CA ASP D 19 6.59 -6.92 24.66
C ASP D 19 6.35 -8.36 25.09
N TRP D 20 7.34 -9.22 24.87
CA TRP D 20 7.24 -10.61 25.33
C TRP D 20 7.62 -10.76 26.80
N GLY D 21 8.08 -9.66 27.42
CA GLY D 21 8.48 -9.69 28.82
C GLY D 21 9.92 -10.09 29.07
N TYR D 22 10.71 -10.23 28.00
CA TYR D 22 12.15 -10.55 28.12
C TYR D 22 13.02 -9.33 28.33
N PRO D 23 14.25 -9.53 28.86
CA PRO D 23 15.16 -8.40 29.06
C PRO D 23 15.76 -7.85 27.76
N VAL D 24 14.92 -7.16 26.97
CA VAL D 24 15.37 -6.56 25.72
C VAL D 24 15.17 -5.05 25.81
N SER D 25 16.26 -4.30 25.65
CA SER D 25 16.17 -2.85 25.66
C SER D 25 16.78 -2.24 24.38
N ALA D 26 16.40 -1.01 24.07
CA ALA D 26 16.98 -0.30 22.93
C ALA D 26 17.81 0.86 23.47
N VAL D 27 19.13 0.71 23.39
CA VAL D 27 20.02 1.56 24.18
C VAL D 27 21.29 1.95 23.39
N PRO D 28 21.88 3.12 23.71
CA PRO D 28 23.09 3.60 23.03
C PRO D 28 24.28 2.64 23.06
N GLU D 29 24.48 1.90 24.17
CA GLU D 29 25.62 0.97 24.31
C GLU D 29 25.64 -0.14 23.25
N ALA D 30 24.45 -0.51 22.75
CA ALA D 30 24.29 -1.63 21.84
C ALA D 30 24.31 -1.26 20.35
N ALA D 31 24.49 0.03 20.06
CA ALA D 31 24.37 0.51 18.69
C ALA D 31 25.55 0.05 17.82
N TYR D 32 25.25 -0.36 16.60
CA TYR D 32 26.27 -0.53 15.58
C TYR D 32 26.33 0.79 14.82
N GLY D 33 25.14 1.25 14.41
CA GLY D 33 24.95 2.54 13.75
C GLY D 33 23.81 3.31 14.39
N GLY D 34 23.70 4.59 14.07
CA GLY D 34 22.58 5.42 14.55
C GLY D 34 22.81 5.83 16.00
N THR D 35 21.75 5.81 16.81
CA THR D 35 21.86 6.28 18.19
C THR D 35 21.67 5.14 19.19
N LYS D 36 21.16 4.00 18.72
CA LYS D 36 20.75 2.92 19.59
C LYS D 36 20.92 1.57 18.92
N GLY D 37 21.02 0.51 19.72
CA GLY D 37 20.91 -0.85 19.21
C GLY D 37 20.06 -1.64 20.18
N PHE D 38 19.79 -2.90 19.85
CA PHE D 38 19.11 -3.78 20.79
C PHE D 38 20.09 -4.51 21.68
N LYS D 39 19.85 -4.39 22.99
CA LYS D 39 20.61 -5.12 24.01
C LYS D 39 19.75 -6.26 24.59
N LEU D 40 20.21 -7.50 24.44
CA LEU D 40 19.58 -8.62 25.10
C LEU D 40 20.47 -9.01 26.28
N SER D 41 19.94 -8.83 27.49
CA SER D 41 20.77 -8.98 28.69
C SER D 41 21.26 -10.39 28.94
N GLY D 42 22.49 -10.46 29.46
CA GLY D 42 23.00 -11.71 29.97
C GLY D 42 22.24 -12.15 31.19
N GLY D 43 22.53 -13.37 31.64
CA GLY D 43 21.89 -13.92 32.85
C GLY D 43 20.61 -14.65 32.57
N LYS D 44 19.93 -14.30 31.47
CA LYS D 44 18.62 -14.87 31.16
C LYS D 44 18.53 -15.14 29.67
N GLN D 45 17.62 -16.03 29.28
CA GLN D 45 17.27 -16.15 27.87
C GLN D 45 16.45 -14.93 27.50
N ALA D 46 16.54 -14.49 26.25
CA ALA D 46 15.78 -13.35 25.81
C ALA D 46 15.54 -13.43 24.31
N GLY D 47 14.39 -12.93 23.90
CA GLY D 47 14.02 -12.93 22.51
C GLY D 47 13.04 -11.82 22.23
N MET D 48 12.88 -11.51 20.95
CA MET D 48 11.86 -10.59 20.50
C MET D 48 11.54 -11.03 19.08
N GLY D 49 10.40 -10.62 18.57
CA GLY D 49 10.03 -11.08 17.24
C GLY D 49 8.88 -10.30 16.67
N GLN D 50 8.69 -10.48 15.37
CA GLN D 50 7.50 -9.96 14.72
C GLN D 50 7.05 -10.90 13.59
N LYS D 51 5.74 -11.00 13.39
CA LYS D 51 5.20 -11.69 12.22
C LYS D 51 5.61 -10.93 10.96
N VAL D 52 5.93 -11.69 9.90
CA VAL D 52 6.38 -11.11 8.63
C VAL D 52 5.57 -11.64 7.44
N ALA D 53 5.17 -10.72 6.57
CA ALA D 53 4.30 -11.04 5.43
C ALA D 53 5.07 -11.56 4.22
N LEU D 54 5.57 -12.84 4.32
CA LEU D 54 6.24 -13.47 3.18
C LEU D 54 5.30 -13.99 2.09
N LYS D 55 5.67 -13.75 0.83
CA LYS D 55 4.94 -14.30 -0.29
C LYS D 55 5.53 -15.68 -0.64
N PRO D 56 4.69 -16.60 -1.15
CA PRO D 56 5.19 -17.91 -1.59
C PRO D 56 5.99 -17.82 -2.88
N ASN D 57 6.90 -18.84 -3.07
CA ASN D 57 7.75 -18.94 -4.26
C ASN D 57 8.54 -17.64 -4.51
N THR D 58 9.10 -17.10 -3.43
CA THR D 58 9.82 -15.81 -3.40
C THR D 58 11.13 -15.93 -2.62
N THR D 59 12.16 -15.26 -3.14
CA THR D 59 13.51 -15.26 -2.55
C THR D 59 13.75 -14.03 -1.65
N TYR D 60 14.25 -14.29 -0.44
CA TYR D 60 14.58 -13.24 0.55
C TYR D 60 16.05 -13.29 1.02
N ILE D 61 16.50 -12.15 1.55
CA ILE D 61 17.80 -12.07 2.23
C ILE D 61 17.53 -11.67 3.68
N LEU D 62 18.05 -12.46 4.62
CA LEU D 62 17.99 -12.09 6.02
C LEU D 62 19.39 -11.73 6.50
N GLY D 63 19.52 -10.59 7.19
CA GLY D 63 20.81 -10.06 7.57
C GLY D 63 20.77 -9.28 8.87
N ALA D 64 21.85 -9.34 9.63
CA ALA D 64 21.92 -8.63 10.89
C ALA D 64 23.36 -8.44 11.31
N TRP D 65 23.59 -7.37 12.08
CA TRP D 65 24.86 -7.15 12.77
C TRP D 65 24.66 -7.66 14.18
N GLY D 66 25.59 -8.47 14.67
CA GLY D 66 25.49 -8.97 16.03
C GLY D 66 26.82 -9.16 16.73
N LYS D 67 26.79 -9.17 18.06
CA LYS D 67 27.98 -9.47 18.86
C LYS D 67 27.59 -9.68 20.30
N PHE D 68 28.27 -10.63 20.93
CA PHE D 68 28.24 -10.75 22.37
C PHE D 68 29.30 -9.85 22.96
N THR D 69 29.06 -9.38 24.18
CA THR D 69 30.02 -8.52 24.86
C THR D 69 31.26 -9.31 25.30
N ALA D 70 31.07 -10.59 25.60
CA ALA D 70 32.16 -11.52 25.92
C ALA D 70 31.71 -12.91 25.50
N LYS D 71 32.65 -13.86 25.43
CA LYS D 71 32.33 -15.19 24.90
C LYS D 71 31.20 -15.83 25.67
N PRO D 72 30.13 -16.24 24.95
CA PRO D 72 28.97 -16.86 25.58
C PRO D 72 29.15 -18.36 25.82
N GLY D 73 28.18 -18.98 26.49
CA GLY D 73 28.11 -20.44 26.58
C GLY D 73 27.65 -21.06 25.27
N THR D 74 26.52 -20.59 24.76
CA THR D 74 25.97 -21.09 23.52
C THR D 74 26.00 -20.02 22.43
N TYR D 75 24.82 -19.55 22.06
CA TYR D 75 24.66 -18.73 20.87
C TYR D 75 23.43 -17.83 20.98
N CYS D 76 23.30 -16.94 20.00
CA CYS D 76 22.07 -16.20 19.75
C CYS D 76 21.69 -16.42 18.27
N ASP D 77 20.44 -16.82 18.04
CA ASP D 77 19.96 -17.06 16.69
C ASP D 77 19.13 -15.89 16.22
N VAL D 78 19.27 -15.56 14.93
CA VAL D 78 18.38 -14.66 14.20
C VAL D 78 17.74 -15.51 13.09
N ILE D 79 16.41 -15.62 13.13
CA ILE D 79 15.70 -16.68 12.41
C ILE D 79 14.48 -16.15 11.66
N VAL D 80 14.26 -16.66 10.44
CA VAL D 80 12.94 -16.66 9.82
C VAL D 80 12.47 -18.12 9.64
N GLN D 81 11.35 -18.45 10.31
CA GLN D 81 10.85 -19.83 10.36
C GLN D 81 9.38 -19.99 9.94
N TYR D 82 9.05 -21.21 9.48
CA TYR D 82 7.69 -21.58 9.04
C TYR D 82 7.57 -23.08 8.80
N HIS D 83 6.35 -23.60 9.00
CA HIS D 83 6.03 -24.99 8.64
C HIS D 83 5.73 -25.09 7.16
N LEU D 84 6.11 -26.23 6.57
CA LEU D 84 5.70 -26.57 5.21
C LEU D 84 4.29 -27.12 5.27
N LYS D 85 3.52 -26.86 4.23
CA LYS D 85 2.13 -27.27 4.15
C LYS D 85 2.07 -28.67 3.56
N ASP D 86 2.20 -29.68 4.43
CA ASP D 86 2.09 -31.09 4.01
C ASP D 86 1.85 -32.03 5.19
N ALA D 87 1.75 -33.32 4.90
CA ALA D 87 1.56 -34.38 5.90
C ALA D 87 2.46 -34.25 7.12
N ASN D 88 3.76 -34.34 6.88
CA ASN D 88 4.77 -34.32 7.94
C ASN D 88 4.89 -32.96 8.66
N ASN D 89 4.36 -31.92 8.02
CA ASN D 89 4.50 -30.53 8.49
C ASN D 89 5.93 -30.17 8.91
N THR D 90 6.84 -30.32 7.95
CA THR D 90 8.26 -30.06 8.14
C THR D 90 8.48 -28.59 8.54
N TYR D 91 9.30 -28.38 9.56
CA TYR D 91 9.53 -27.03 10.09
C TYR D 91 10.84 -26.44 9.57
N VAL D 92 10.72 -25.33 8.84
CA VAL D 92 11.87 -24.67 8.24
C VAL D 92 12.34 -23.46 9.06
N GLN D 93 13.60 -23.52 9.47
CA GLN D 93 14.24 -22.41 10.15
C GLN D 93 15.42 -21.91 9.33
N ASN D 94 15.31 -20.66 8.85
CA ASN D 94 16.41 -19.98 8.19
C ASN D 94 17.19 -19.22 9.26
N ILE D 95 18.34 -19.77 9.65
CA ILE D 95 19.06 -19.36 10.87
C ILE D 95 20.39 -18.66 10.60
N LEU D 96 20.61 -17.55 11.31
CA LEU D 96 21.94 -16.99 11.50
C LEU D 96 22.27 -17.22 12.96
N ARG D 97 23.39 -17.88 13.23
CA ARG D 97 23.78 -18.18 14.61
C ARG D 97 25.06 -17.47 15.01
N PHE D 98 24.94 -16.59 16.01
CA PHE D 98 26.02 -15.74 16.48
C PHE D 98 26.68 -16.30 17.73
N THR D 99 28.00 -16.19 17.79
CA THR D 99 28.78 -16.57 18.97
C THR D 99 29.93 -15.59 19.15
N GLU D 100 30.11 -14.72 18.16
CA GLU D 100 31.29 -13.85 18.04
C GLU D 100 31.26 -12.71 19.05
N THR D 101 32.44 -12.30 19.51
CA THR D 101 32.55 -11.19 20.46
C THR D 101 32.93 -9.85 19.80
N ASP D 102 33.21 -9.89 18.49
CA ASP D 102 33.29 -8.69 17.64
C ASP D 102 32.02 -8.57 16.78
N TRP D 103 31.64 -7.35 16.40
CA TRP D 103 30.54 -7.12 15.44
C TRP D 103 30.73 -7.99 14.21
N THR D 104 29.71 -8.79 13.92
CA THR D 104 29.77 -9.73 12.83
C THR D 104 28.50 -9.50 12.05
N TYR D 105 28.63 -9.41 10.73
CA TYR D 105 27.46 -9.41 9.85
C TYR D 105 27.28 -10.82 9.30
N LYS D 106 26.06 -11.33 9.42
CA LYS D 106 25.71 -12.61 8.83
C LYS D 106 24.49 -12.40 7.98
N GLN D 107 24.35 -13.18 6.92
CA GLN D 107 23.15 -13.17 6.10
C GLN D 107 22.88 -14.54 5.51
N VAL D 108 21.59 -14.82 5.31
CA VAL D 108 21.16 -16.06 4.68
C VAL D 108 20.16 -15.73 3.56
N VAL D 109 20.37 -16.36 2.40
CA VAL D 109 19.46 -16.24 1.28
C VAL D 109 18.60 -17.51 1.21
N PHE D 110 17.29 -17.34 1.15
CA PHE D 110 16.37 -18.46 1.10
C PHE D 110 15.18 -18.17 0.19
N THR D 111 14.57 -19.24 -0.33
CA THR D 111 13.40 -19.12 -1.16
C THR D 111 12.23 -19.80 -0.46
N THR D 112 11.06 -19.15 -0.50
CA THR D 112 9.87 -19.65 0.17
C THR D 112 9.16 -20.75 -0.63
N PRO D 113 8.43 -21.67 0.05
CA PRO D 113 7.66 -22.70 -0.64
C PRO D 113 6.42 -22.11 -1.31
N ASP D 114 5.70 -22.91 -2.10
CA ASP D 114 4.51 -22.42 -2.79
C ASP D 114 3.32 -22.19 -1.85
N ALA D 115 3.50 -22.64 -0.56
CA ALA D 115 2.43 -22.54 0.45
C ALA D 115 3.01 -22.66 1.86
N PHE D 116 2.41 -21.97 2.81
CA PHE D 116 2.86 -22.01 4.21
C PHE D 116 1.97 -22.86 5.11
N GLY D 117 2.59 -23.69 5.95
CA GLY D 117 1.87 -24.50 6.93
C GLY D 117 1.50 -23.74 8.18
N SER D 118 2.27 -22.70 8.50
CA SER D 118 1.96 -21.78 9.59
C SER D 118 2.47 -20.39 9.24
N ASP D 119 2.07 -19.39 10.02
CA ASP D 119 2.49 -18.00 9.78
C ASP D 119 3.99 -17.83 9.95
N PRO D 120 4.68 -17.37 8.90
CA PRO D 120 6.10 -17.03 9.01
C PRO D 120 6.40 -15.98 10.08
N GLU D 121 7.47 -16.20 10.81
CA GLU D 121 7.84 -15.33 11.91
C GLU D 121 9.29 -14.99 11.77
N PHE D 122 9.62 -13.76 12.17
CA PHE D 122 10.99 -13.40 12.47
C PHE D 122 11.18 -13.49 13.98
N VAL D 123 12.23 -14.19 14.39
CA VAL D 123 12.54 -14.33 15.81
C VAL D 123 14.02 -14.09 16.04
N LEU D 124 14.31 -13.25 17.04
CA LEU D 124 15.65 -13.09 17.55
C LEU D 124 15.61 -13.77 18.92
N TRP D 125 16.37 -14.86 19.06
CA TRP D 125 16.29 -15.70 20.26
C TRP D 125 17.67 -16.01 20.81
N LYS D 126 17.94 -15.49 22.00
CA LYS D 126 19.19 -15.74 22.69
C LYS D 126 19.08 -16.96 23.62
N ASP D 127 19.50 -18.12 23.12
CA ASP D 127 19.55 -19.33 23.93
C ASP D 127 20.48 -19.16 25.14
N ASP D 128 21.58 -18.43 24.92
CA ASP D 128 22.58 -18.19 25.97
C ASP D 128 22.01 -17.45 27.18
N ALA D 129 22.47 -17.84 28.36
CA ALA D 129 22.11 -17.15 29.58
C ALA D 129 23.33 -16.88 30.47
N SER D 130 24.51 -16.86 29.85
CA SER D 130 25.73 -16.50 30.56
C SER D 130 25.76 -15.01 30.81
N ASN D 131 26.82 -14.54 31.45
CA ASN D 131 26.94 -13.14 31.81
C ASN D 131 26.91 -12.17 30.63
N ALA D 132 27.43 -12.61 29.49
CA ALA D 132 27.55 -11.74 28.32
C ALA D 132 26.19 -11.20 27.85
N ASP D 133 26.15 -9.92 27.49
CA ASP D 133 24.96 -9.38 26.84
C ASP D 133 25.14 -9.63 25.34
N PHE D 134 24.06 -9.50 24.61
CA PHE D 134 24.14 -9.53 23.16
C PHE D 134 23.61 -8.22 22.56
N TYR D 135 24.29 -7.71 21.54
CA TYR D 135 23.84 -6.51 20.84
C TYR D 135 23.43 -6.92 19.43
N ALA D 136 22.30 -6.41 18.97
CA ALA D 136 21.84 -6.64 17.61
C ALA D 136 21.47 -5.29 17.03
N ASP D 137 21.74 -5.09 15.74
CA ASP D 137 21.43 -3.85 15.09
C ASP D 137 21.26 -4.09 13.57
N ASN D 138 20.56 -3.17 12.93
CA ASN D 138 20.35 -3.21 11.49
C ASN D 138 19.85 -4.57 10.99
N ILE D 139 18.77 -5.04 11.61
CA ILE D 139 18.18 -6.30 11.23
C ILE D 139 17.33 -6.07 9.97
N THR D 140 17.67 -6.79 8.90
CA THR D 140 17.01 -6.65 7.59
C THR D 140 16.45 -7.99 7.11
N LEU D 141 15.25 -7.92 6.54
CA LEU D 141 14.66 -8.99 5.76
C LEU D 141 14.14 -8.33 4.49
N VAL D 142 14.81 -8.59 3.35
CA VAL D 142 14.42 -8.01 2.06
C VAL D 142 14.11 -9.05 1.01
N GLU D 143 13.16 -8.73 0.13
CA GLU D 143 12.75 -9.58 -0.98
C GLU D 143 13.73 -9.51 -2.16
CA CA E . -8.16 14.15 21.14
CA CA F . 0.36 14.96 5.20
CA CA G . 2.37 -10.03 -31.86
CA CA H . 20.99 1.47 15.32
#